data_2XGI
#
_entry.id   2XGI
#
_cell.length_a   68.631
_cell.length_b   71.158
_cell.length_c   92.273
_cell.angle_alpha   90.00
_cell.angle_beta   90.00
_cell.angle_gamma   90.00
#
_symmetry.space_group_name_H-M   'P 21 21 21'
#
loop_
_entity.id
_entity.type
_entity.pdbx_description
1 polymer BETA-AMYLASE
2 non-polymer 1,2-ETHANEDIOL
3 non-polymer '(3R)-3-hydroxybutyl alpha-D-glucopyranoside'
4 non-polymer '(3S)-3-hydroxybutyl alpha-D-glucopyranoside'
5 water water
#
_entity_poly.entity_id   1
_entity_poly.type   'polypeptide(L)'
_entity_poly.pdbx_seq_one_letter_code
;MEVNVKGNYVQVYVMLPLDAVSVNNRFEKGDELRAQLRKLVEAGVDGVMVDVWWGLVEGKGPKAYDWSAYKQLFELVQKA
GLKLQAIMSFHQCGGNVGDAVNIPIPQWVRDVGTRDPDIFYTDGHGTRNIEYLTLGVDNQPLFHGRSAVQMYADYMTSFR
ENMKEFLDAGVIVDIEVGLGPAGEMRYPSYPQSHGWSFPGIGEFICYDKYLQADFKAAAAAVGHPEWEFPNDVGQYNDTP
ERTQFFRDNGTYLSEKGRFFLAWYSNNLIKHGDRILDEANKVFLGYKVQLAIKISGIHWWYKVPSHAAELTAGYYNLHDR
DGYRTIARMLKRHRASINFTCAEMRDSEQSSQAMSAPEELVQQVLSAGWREGLNVACENALPRYDPTAYNTILRNARPHG
INQSGPPEHKLFGFTYLRLSNQLVEGQNYANFKTFVDRMHANLPRDPYVDPMAPLPRSGPEISIEMILQAAQPKLQPFPF
QEHTDLPVGPTGGMGGQAEGPTCGMGGQVKGPTGGMGGQAEDPTSGIGGELPATM
;
_entity_poly.pdbx_strand_id   A
#
# COMPACT_ATOMS: atom_id res chain seq x y z
N VAL A 3 -18.56 -14.73 29.19
CA VAL A 3 -17.51 -13.72 28.79
C VAL A 3 -16.35 -14.45 28.12
N ASN A 4 -16.02 -13.99 26.91
CA ASN A 4 -14.95 -14.54 26.11
C ASN A 4 -14.62 -13.44 25.09
N VAL A 5 -13.50 -12.77 25.32
CA VAL A 5 -13.14 -11.64 24.47
C VAL A 5 -12.21 -11.99 23.35
N LYS A 6 -11.91 -13.28 23.13
CA LYS A 6 -10.97 -13.75 22.10
C LYS A 6 -11.22 -13.15 20.69
N GLY A 7 -12.48 -13.02 20.28
CA GLY A 7 -12.76 -12.50 18.94
C GLY A 7 -12.40 -11.03 18.72
N ASN A 8 -12.03 -10.35 19.81
CA ASN A 8 -11.53 -8.96 19.76
C ASN A 8 -10.05 -8.80 19.41
N TYR A 9 -9.29 -9.87 19.51
CA TYR A 9 -7.83 -9.83 19.29
C TYR A 9 -7.51 -9.32 17.89
N VAL A 10 -6.62 -8.32 17.81
CA VAL A 10 -6.13 -7.78 16.54
C VAL A 10 -4.63 -8.08 16.50
N GLN A 11 -4.20 -8.77 15.45
CA GLN A 11 -2.77 -9.06 15.26
C GLN A 11 -1.98 -7.79 15.03
N VAL A 12 -0.76 -7.78 15.54
CA VAL A 12 0.21 -6.73 15.38
C VAL A 12 1.48 -7.29 14.71
N TYR A 13 1.80 -6.69 13.58
CA TYR A 13 3.02 -6.96 12.85
C TYR A 13 3.91 -5.74 12.95
N VAL A 14 5.20 -5.92 12.76
CA VAL A 14 6.17 -4.82 12.74
C VAL A 14 6.97 -4.87 11.45
N MET A 15 7.02 -3.73 10.73
CA MET A 15 7.87 -3.61 9.54
CA MET A 15 7.82 -3.66 9.53
C MET A 15 9.31 -3.71 9.91
N LEU A 16 10.08 -4.49 9.15
CA LEU A 16 11.50 -4.56 9.32
C LEU A 16 12.17 -3.30 8.75
N PRO A 17 13.44 -3.05 9.07
CA PRO A 17 14.17 -1.99 8.41
C PRO A 17 14.22 -2.13 6.90
N LEU A 18 14.34 -0.99 6.22
CA LEU A 18 14.35 -0.99 4.76
C LEU A 18 15.51 -1.74 4.18
N ASP A 19 16.61 -1.79 4.93
CA ASP A 19 17.81 -2.55 4.57
C ASP A 19 18.01 -3.82 5.42
N ALA A 20 16.90 -4.50 5.72
CA ALA A 20 16.96 -5.81 6.35
C ALA A 20 17.87 -6.73 5.54
N VAL A 21 17.79 -6.59 4.22
CA VAL A 21 18.74 -7.14 3.26
C VAL A 21 19.51 -5.94 2.70
N SER A 22 20.81 -6.07 2.59
CA SER A 22 21.67 -4.96 2.19
C SER A 22 21.39 -4.56 0.75
N VAL A 23 21.80 -3.36 0.39
CA VAL A 23 21.71 -2.88 -0.99
C VAL A 23 22.51 -3.73 -1.98
N ASN A 24 23.34 -4.62 -1.46
CA ASN A 24 24.13 -5.56 -2.22
C ASN A 24 23.48 -6.96 -2.31
N ASN A 25 22.25 -7.08 -1.83
CA ASN A 25 21.55 -8.37 -1.76
C ASN A 25 22.27 -9.41 -0.93
N ARG A 26 22.74 -8.96 0.23
CA ARG A 26 23.37 -9.85 1.22
CA ARG A 26 23.35 -9.86 1.22
C ARG A 26 22.68 -9.64 2.56
N PHE A 27 22.54 -10.72 3.31
CA PHE A 27 21.97 -10.64 4.65
C PHE A 27 23.13 -10.47 5.63
N GLU A 28 23.32 -9.24 6.07
CA GLU A 28 24.52 -8.96 6.86
CA GLU A 28 24.52 -8.78 6.79
C GLU A 28 24.23 -8.35 8.21
N LYS A 29 22.98 -8.29 8.61
CA LYS A 29 22.69 -7.68 9.92
C LYS A 29 21.85 -8.67 10.73
N GLY A 30 22.10 -9.98 10.55
CA GLY A 30 21.43 -11.05 11.26
C GLY A 30 21.48 -11.05 12.78
N ASP A 31 22.63 -10.75 13.36
CA ASP A 31 22.74 -10.78 14.81
C ASP A 31 21.99 -9.60 15.46
N GLU A 32 22.10 -8.44 14.82
CA GLU A 32 21.36 -7.27 15.25
C GLU A 32 19.86 -7.51 15.16
N LEU A 33 19.43 -8.07 14.03
CA LEU A 33 18.02 -8.36 13.85
C LEU A 33 17.52 -9.42 14.85
N ARG A 34 18.29 -10.48 15.07
CA ARG A 34 17.89 -11.44 16.04
C ARG A 34 17.65 -10.81 17.41
N ALA A 35 18.54 -9.92 17.83
CA ALA A 35 18.41 -9.26 19.12
C ALA A 35 17.17 -8.36 19.17
N GLN A 36 16.90 -7.65 18.08
CA GLN A 36 15.68 -6.86 18.01
C GLN A 36 14.42 -7.71 18.04
N LEU A 37 14.44 -8.82 17.33
CA LEU A 37 13.28 -9.71 17.30
C LEU A 37 13.01 -10.31 18.68
N ARG A 38 14.05 -10.56 19.47
CA ARG A 38 13.83 -11.01 20.85
C ARG A 38 12.93 -10.00 21.61
N LYS A 39 13.20 -8.71 21.42
CA LYS A 39 12.39 -7.65 22.04
C LYS A 39 10.95 -7.69 21.50
N LEU A 40 10.76 -7.93 20.21
CA LEU A 40 9.39 -8.02 19.68
C LEU A 40 8.67 -9.22 20.23
N VAL A 41 9.37 -10.34 20.37
CA VAL A 41 8.74 -11.53 20.95
C VAL A 41 8.42 -11.33 22.45
N GLU A 42 9.30 -10.66 23.19
CA GLU A 42 9.02 -10.31 24.57
C GLU A 42 7.76 -9.46 24.65
N ALA A 43 7.49 -8.65 23.62
CA ALA A 43 6.29 -7.78 23.57
C ALA A 43 5.03 -8.48 23.07
N GLY A 44 5.13 -9.74 22.56
CA GLY A 44 3.98 -10.49 22.11
C GLY A 44 3.59 -10.25 20.65
N VAL A 45 4.48 -9.68 19.85
CA VAL A 45 4.18 -9.37 18.46
C VAL A 45 3.85 -10.65 17.65
N ASP A 46 2.87 -10.55 16.76
CA ASP A 46 2.45 -11.69 15.96
C ASP A 46 3.43 -12.00 14.83
N GLY A 47 4.03 -10.98 14.23
CA GLY A 47 4.90 -11.21 13.11
C GLY A 47 5.57 -9.95 12.63
N VAL A 48 6.29 -10.06 11.52
CA VAL A 48 6.96 -8.94 10.89
C VAL A 48 6.59 -8.85 9.42
N MET A 49 6.84 -7.69 8.84
CA MET A 49 6.60 -7.42 7.42
CA MET A 49 6.60 -7.44 7.43
C MET A 49 7.92 -6.98 6.81
N VAL A 50 8.17 -7.39 5.57
CA VAL A 50 9.39 -6.99 4.94
C VAL A 50 9.20 -6.78 3.44
N ASP A 51 9.89 -5.79 2.92
CA ASP A 51 10.03 -5.59 1.48
C ASP A 51 10.90 -6.68 0.86
N VAL A 52 10.40 -7.31 -0.23
CA VAL A 52 11.20 -8.25 -0.99
C VAL A 52 11.53 -7.56 -2.30
N TRP A 53 12.70 -6.90 -2.31
CA TRP A 53 13.01 -5.89 -3.34
C TRP A 53 13.34 -6.49 -4.68
N TRP A 54 12.55 -6.12 -5.70
CA TRP A 54 12.76 -6.57 -7.07
C TRP A 54 14.18 -6.23 -7.55
N GLY A 55 14.64 -5.03 -7.24
CA GLY A 55 15.95 -4.59 -7.67
C GLY A 55 17.09 -5.36 -7.04
N LEU A 56 16.87 -5.96 -5.87
CA LEU A 56 17.87 -6.82 -5.27
C LEU A 56 17.81 -8.21 -5.90
N VAL A 57 16.64 -8.84 -5.98
CA VAL A 57 16.56 -10.26 -6.34
C VAL A 57 16.76 -10.49 -7.84
N GLU A 58 16.17 -9.66 -8.70
CA GLU A 58 16.33 -9.80 -10.14
C GLU A 58 17.26 -8.74 -10.70
N GLY A 59 18.25 -8.35 -9.92
CA GLY A 59 19.21 -7.36 -10.39
C GLY A 59 20.17 -7.80 -11.53
N LYS A 60 20.52 -9.09 -11.66
CA LYS A 60 21.56 -9.51 -12.64
C LYS A 60 21.10 -9.37 -14.09
N GLY A 61 19.89 -9.82 -14.30
CA GLY A 61 19.37 -9.97 -15.60
C GLY A 61 18.06 -10.70 -15.53
N PRO A 62 17.35 -10.84 -16.68
CA PRO A 62 16.04 -11.51 -16.70
C PRO A 62 16.10 -12.89 -16.16
N LYS A 63 15.24 -13.14 -15.19
CA LYS A 63 15.06 -14.43 -14.55
C LYS A 63 16.26 -14.94 -13.79
N ALA A 64 17.21 -14.04 -13.54
CA ALA A 64 18.42 -14.42 -12.77
C ALA A 64 18.19 -14.18 -11.27
N TYR A 65 17.17 -14.82 -10.72
CA TYR A 65 16.74 -14.52 -9.37
C TYR A 65 17.76 -15.00 -8.35
N ASP A 66 18.12 -14.16 -7.39
CA ASP A 66 19.06 -14.51 -6.34
C ASP A 66 18.34 -14.35 -5.00
N TRP A 67 17.82 -15.47 -4.51
CA TRP A 67 17.02 -15.54 -3.28
C TRP A 67 17.81 -15.81 -2.03
N SER A 68 19.13 -15.90 -2.15
CA SER A 68 19.98 -16.28 -1.02
CA SER A 68 19.99 -16.29 -1.04
C SER A 68 19.76 -15.49 0.25
N ALA A 69 19.82 -14.18 0.15
CA ALA A 69 19.69 -13.34 1.33
C ALA A 69 18.30 -13.43 1.95
N TYR A 70 17.25 -13.39 1.11
CA TYR A 70 15.91 -13.50 1.62
C TYR A 70 15.65 -14.85 2.31
N LYS A 71 16.19 -15.95 1.78
CA LYS A 71 16.01 -17.22 2.49
C LYS A 71 16.67 -17.20 3.86
N GLN A 72 17.84 -16.55 3.98
CA GLN A 72 18.51 -16.43 5.28
CA GLN A 72 18.49 -16.43 5.30
C GLN A 72 17.65 -15.59 6.26
N LEU A 73 17.10 -14.49 5.76
CA LEU A 73 16.23 -13.67 6.59
CA LEU A 73 16.21 -13.65 6.55
C LEU A 73 14.99 -14.43 7.04
N PHE A 74 14.35 -15.13 6.12
CA PHE A 74 13.09 -15.82 6.45
C PHE A 74 13.37 -16.95 7.45
N GLU A 75 14.52 -17.63 7.30
CA GLU A 75 14.89 -18.63 8.30
C GLU A 75 15.02 -18.03 9.68
N LEU A 76 15.65 -16.86 9.77
CA LEU A 76 15.81 -16.18 11.05
CA LEU A 76 15.82 -16.20 11.05
C LEU A 76 14.44 -15.87 11.66
N VAL A 77 13.53 -15.35 10.86
CA VAL A 77 12.20 -15.00 11.34
C VAL A 77 11.45 -16.27 11.82
N GLN A 78 11.57 -17.36 11.06
CA GLN A 78 10.95 -18.61 11.46
C GLN A 78 11.53 -19.09 12.80
N LYS A 79 12.85 -19.01 12.95
CA LYS A 79 13.50 -19.47 14.20
C LYS A 79 13.17 -18.58 15.38
N ALA A 80 12.62 -17.39 15.14
CA ALA A 80 12.11 -16.52 16.21
C ALA A 80 10.65 -16.78 16.58
N GLY A 81 9.98 -17.67 15.86
CA GLY A 81 8.58 -18.01 16.12
C GLY A 81 7.60 -16.96 15.60
N LEU A 82 8.05 -16.08 14.70
CA LEU A 82 7.24 -14.98 14.16
C LEU A 82 6.67 -15.35 12.80
N LYS A 83 5.48 -14.85 12.51
CA LYS A 83 4.95 -14.93 11.17
CA LYS A 83 4.87 -14.88 11.19
C LYS A 83 5.49 -13.78 10.32
N LEU A 84 5.23 -13.85 9.02
CA LEU A 84 5.88 -13.02 8.03
CA LEU A 84 5.82 -12.90 8.08
C LEU A 84 4.89 -12.54 6.96
N GLN A 85 4.81 -11.25 6.72
CA GLN A 85 4.12 -10.63 5.61
C GLN A 85 5.17 -10.18 4.61
N ALA A 86 5.09 -10.66 3.37
CA ALA A 86 6.07 -10.39 2.35
C ALA A 86 5.50 -9.40 1.33
N ILE A 87 6.17 -8.26 1.13
CA ILE A 87 5.77 -7.32 0.10
C ILE A 87 6.54 -7.66 -1.17
N MET A 88 5.78 -7.85 -2.27
CA MET A 88 6.40 -7.98 -3.59
C MET A 88 6.72 -6.55 -4.05
N SER A 89 7.94 -6.12 -3.75
CA SER A 89 8.32 -4.70 -3.84
C SER A 89 8.90 -4.41 -5.22
N PHE A 90 8.01 -4.11 -6.18
CA PHE A 90 8.35 -3.84 -7.56
C PHE A 90 8.66 -2.37 -7.80
N HIS A 91 9.21 -1.70 -6.78
CA HIS A 91 9.45 -0.28 -6.78
C HIS A 91 10.81 0.04 -6.20
N GLN A 92 11.26 1.27 -6.43
CA GLN A 92 12.50 1.77 -5.86
C GLN A 92 12.32 2.12 -4.40
N CYS A 93 13.30 1.68 -3.60
N CYS A 93 13.30 1.70 -3.59
CA CYS A 93 13.40 2.09 -2.21
CA CYS A 93 13.41 2.15 -2.21
C CYS A 93 14.16 3.40 -2.18
C CYS A 93 14.19 3.47 -2.24
N GLY A 94 13.65 4.34 -1.43
N GLY A 94 13.64 4.51 -1.65
CA GLY A 94 14.37 5.59 -1.26
CA GLY A 94 14.32 5.79 -1.63
C GLY A 94 14.38 6.43 -2.51
C GLY A 94 13.67 6.78 -2.59
N GLY A 95 15.54 7.00 -2.82
N GLY A 95 13.43 8.01 -2.14
CA GLY A 95 15.72 7.85 -3.99
CA GLY A 95 12.73 9.04 -2.93
C GLY A 95 15.39 9.32 -3.76
C GLY A 95 11.44 9.49 -2.26
N ASN A 96 14.99 9.67 -2.55
N ASN A 96 10.86 8.62 -1.45
CA ASN A 96 14.68 11.06 -2.24
CA ASN A 96 9.59 8.91 -0.77
C ASN A 96 15.75 11.67 -1.36
C ASN A 96 9.84 9.16 0.72
N VAL A 97 15.75 12.99 -1.26
N VAL A 97 8.83 9.66 1.43
CA VAL A 97 16.78 13.68 -0.49
CA VAL A 97 9.01 10.03 2.83
C VAL A 97 16.70 13.25 0.95
C VAL A 97 9.55 8.86 3.67
N GLY A 98 17.83 12.83 1.51
N GLY A 98 10.68 9.12 4.33
CA GLY A 98 17.89 12.42 2.90
CA GLY A 98 11.30 8.20 5.30
C GLY A 98 17.77 10.92 3.10
C GLY A 98 12.28 7.20 4.71
N ASP A 99 17.27 10.19 2.10
N ASP A 99 12.78 7.45 3.51
CA ASP A 99 17.05 8.75 2.27
CA ASP A 99 13.28 6.35 2.70
C ASP A 99 18.33 7.96 2.44
C ASP A 99 14.64 5.70 2.87
N ALA A 100 18.43 7.22 3.53
N ALA A 100 15.36 6.00 3.95
CA ALA A 100 19.60 6.40 3.76
CA ALA A 100 16.67 5.40 4.27
C ALA A 100 19.70 5.11 2.92
C ALA A 100 17.76 5.45 3.16
N VAL A 101 18.57 4.50 2.59
N VAL A 101 18.45 4.33 3.08
CA VAL A 101 18.56 3.19 1.93
CA VAL A 101 18.53 3.35 1.97
C VAL A 101 17.95 3.40 0.55
C VAL A 101 17.94 3.60 0.54
N ASN A 102 18.76 3.15 -0.48
N ASN A 102 18.78 3.38 -0.50
CA ASN A 102 18.40 3.47 -1.86
CA ASN A 102 18.39 3.54 -1.93
C ASN A 102 18.60 2.21 -2.71
C ASN A 102 18.59 2.22 -2.70
N ILE A 103 17.50 1.68 -3.24
CA ILE A 103 17.49 0.40 -3.97
C ILE A 103 16.59 0.62 -5.19
N PRO A 104 17.17 0.87 -6.35
CA PRO A 104 16.40 1.06 -7.57
C PRO A 104 15.79 -0.25 -8.05
N ILE A 105 14.88 -0.16 -9.01
CA ILE A 105 14.44 -1.32 -9.75
C ILE A 105 15.63 -1.83 -10.62
N PRO A 106 15.52 -3.03 -11.19
CA PRO A 106 16.71 -3.60 -11.85
C PRO A 106 17.29 -2.70 -12.95
N GLN A 107 18.61 -2.63 -12.99
CA GLN A 107 19.29 -1.81 -13.98
C GLN A 107 18.93 -2.21 -15.40
N TRP A 108 18.85 -3.52 -15.68
CA TRP A 108 18.54 -3.98 -17.02
C TRP A 108 17.11 -3.58 -17.43
N VAL A 109 16.20 -3.41 -16.49
CA VAL A 109 14.85 -2.86 -16.76
C VAL A 109 14.98 -1.38 -17.14
N ARG A 110 15.73 -0.64 -16.34
CA ARG A 110 15.94 0.79 -16.60
C ARG A 110 16.66 1.02 -17.93
N ASP A 111 17.52 0.08 -18.35
CA ASP A 111 18.18 0.21 -19.63
C ASP A 111 17.21 0.29 -20.81
N VAL A 112 16.06 -0.39 -20.70
CA VAL A 112 15.02 -0.30 -21.75
C VAL A 112 14.57 1.17 -21.91
N GLY A 113 14.60 1.92 -20.82
CA GLY A 113 14.19 3.33 -20.81
C GLY A 113 15.07 4.27 -21.62
N THR A 114 16.27 3.84 -21.98
CA THR A 114 17.16 4.66 -22.82
C THR A 114 16.61 4.81 -24.24
N ARG A 115 16.11 3.73 -24.81
CA ARG A 115 15.45 3.87 -26.11
C ARG A 115 13.95 4.12 -25.95
N ASP A 116 13.35 3.79 -24.79
CA ASP A 116 11.89 3.96 -24.59
C ASP A 116 11.63 4.58 -23.23
N PRO A 117 11.76 5.92 -23.17
CA PRO A 117 11.61 6.59 -21.87
C PRO A 117 10.19 6.59 -21.33
N ASP A 118 9.26 6.19 -22.19
CA ASP A 118 7.84 6.13 -21.86
C ASP A 118 7.46 4.89 -21.05
N ILE A 119 8.45 4.08 -20.63
CA ILE A 119 8.20 3.03 -19.67
C ILE A 119 7.98 3.59 -18.26
N PHE A 120 8.21 4.88 -18.05
CA PHE A 120 8.09 5.53 -16.76
C PHE A 120 6.92 6.47 -16.73
N TYR A 121 6.23 6.53 -15.59
CA TYR A 121 5.22 7.57 -15.40
C TYR A 121 5.87 8.93 -15.67
N THR A 122 5.17 9.77 -16.43
CA THR A 122 5.70 11.04 -16.91
C THR A 122 4.68 12.14 -16.64
N ASP A 123 5.18 13.30 -16.19
CA ASP A 123 4.28 14.41 -15.93
C ASP A 123 4.14 15.35 -17.12
N GLY A 124 3.36 16.41 -16.95
CA GLY A 124 3.05 17.33 -18.03
C GLY A 124 4.19 18.19 -18.51
N HIS A 125 5.28 18.23 -17.72
CA HIS A 125 6.47 18.89 -18.26
CA HIS A 125 6.53 18.87 -18.00
C HIS A 125 7.47 17.92 -18.82
N GLY A 126 7.10 16.65 -18.89
CA GLY A 126 7.97 15.62 -19.45
C GLY A 126 8.88 14.91 -18.48
N THR A 127 8.80 15.24 -17.20
CA THR A 127 9.70 14.63 -16.23
C THR A 127 9.34 13.16 -16.06
N ARG A 128 10.35 12.29 -16.14
CA ARG A 128 10.19 10.86 -15.97
C ARG A 128 10.41 10.49 -14.50
N ASN A 129 9.55 9.66 -13.94
CA ASN A 129 9.74 9.14 -12.60
C ASN A 129 10.27 7.71 -12.73
N ILE A 130 11.46 7.45 -12.24
CA ILE A 130 12.13 6.18 -12.48
CA ILE A 130 12.13 6.16 -12.47
C ILE A 130 11.89 5.14 -11.38
N GLU A 131 10.93 5.40 -10.48
CA GLU A 131 10.68 4.53 -9.33
CA GLU A 131 10.72 4.52 -9.31
C GLU A 131 9.88 3.27 -9.59
N TYR A 132 9.18 3.21 -10.73
CA TYR A 132 8.16 2.20 -10.97
C TYR A 132 7.85 2.25 -12.48
N LEU A 133 7.38 1.15 -13.07
CA LEU A 133 7.00 1.14 -14.47
C LEU A 133 5.55 1.59 -14.65
N THR A 134 5.31 2.48 -15.59
CA THR A 134 3.93 2.92 -15.83
C THR A 134 3.00 1.72 -16.04
N LEU A 135 1.80 1.82 -15.48
CA LEU A 135 0.76 0.84 -15.80
C LEU A 135 0.51 0.76 -17.28
N GLY A 136 0.84 1.79 -18.03
CA GLY A 136 0.71 1.73 -19.49
C GLY A 136 1.54 0.67 -20.18
N VAL A 137 2.57 0.13 -19.54
CA VAL A 137 3.33 -0.97 -20.12
C VAL A 137 3.06 -2.31 -19.47
N ASP A 138 1.99 -2.40 -18.70
CA ASP A 138 1.61 -3.67 -18.08
C ASP A 138 1.57 -4.83 -19.07
N ASN A 139 1.00 -4.58 -20.25
CA ASN A 139 0.84 -5.62 -21.27
C ASN A 139 1.65 -5.34 -22.53
N GLN A 140 2.68 -4.50 -22.46
CA GLN A 140 3.54 -4.22 -23.59
C GLN A 140 4.81 -5.05 -23.48
N PRO A 141 5.17 -5.83 -24.52
CA PRO A 141 6.27 -6.79 -24.41
C PRO A 141 7.61 -6.12 -24.69
N LEU A 142 8.00 -5.20 -23.82
CA LEU A 142 9.14 -4.32 -24.04
C LEU A 142 10.45 -4.76 -23.41
N PHE A 143 10.38 -5.76 -22.52
CA PHE A 143 11.50 -6.05 -21.62
C PHE A 143 12.08 -7.41 -22.02
N HIS A 144 12.91 -7.41 -23.06
CA HIS A 144 13.45 -8.64 -23.64
C HIS A 144 12.36 -9.69 -23.84
N GLY A 145 11.24 -9.23 -24.41
CA GLY A 145 10.16 -10.06 -24.79
C GLY A 145 9.05 -10.16 -23.78
N ARG A 146 9.28 -9.77 -22.53
CA ARG A 146 8.26 -9.80 -21.49
C ARG A 146 7.59 -8.46 -21.28
N SER A 147 6.31 -8.48 -20.92
CA SER A 147 5.61 -7.32 -20.42
C SER A 147 5.90 -7.09 -18.93
N ALA A 148 5.49 -5.94 -18.42
CA ALA A 148 5.68 -5.72 -16.99
C ALA A 148 4.88 -6.73 -16.15
N VAL A 149 3.64 -7.02 -16.54
CA VAL A 149 2.85 -7.98 -15.78
C VAL A 149 3.50 -9.37 -15.80
N GLN A 150 4.05 -9.77 -16.94
CA GLN A 150 4.77 -11.03 -17.01
C GLN A 150 5.98 -11.03 -16.07
N MET A 151 6.72 -9.94 -16.01
CA MET A 151 7.86 -9.85 -15.08
C MET A 151 7.36 -10.01 -13.63
N TYR A 152 6.25 -9.38 -13.31
CA TYR A 152 5.73 -9.46 -11.94
C TYR A 152 5.28 -10.88 -11.61
N ALA A 153 4.57 -11.51 -12.55
CA ALA A 153 4.10 -12.88 -12.36
C ALA A 153 5.26 -13.86 -12.22
N ASP A 154 6.28 -13.70 -13.07
CA ASP A 154 7.45 -14.58 -13.02
C ASP A 154 8.21 -14.42 -11.70
N TYR A 155 8.32 -13.17 -11.20
CA TYR A 155 8.98 -12.95 -9.91
C TYR A 155 8.21 -13.64 -8.79
N MET A 156 6.88 -13.48 -8.78
CA MET A 156 6.07 -14.13 -7.77
C MET A 156 6.14 -15.66 -7.86
N THR A 157 6.19 -16.19 -9.07
CA THR A 157 6.31 -17.65 -9.27
C THR A 157 7.64 -18.15 -8.66
N SER A 158 8.73 -17.45 -8.94
CA SER A 158 10.02 -17.84 -8.38
C SER A 158 10.04 -17.72 -6.87
N PHE A 159 9.42 -16.67 -6.36
CA PHE A 159 9.28 -16.50 -4.93
C PHE A 159 8.55 -17.68 -4.30
N ARG A 160 7.41 -18.07 -4.87
CA ARG A 160 6.64 -19.21 -4.36
C ARG A 160 7.46 -20.50 -4.38
N GLU A 161 8.15 -20.74 -5.47
CA GLU A 161 8.93 -21.97 -5.60
C GLU A 161 10.05 -22.00 -4.57
N ASN A 162 10.76 -20.89 -4.44
CA ASN A 162 11.89 -20.83 -3.52
C ASN A 162 11.47 -20.82 -2.06
N MET A 163 10.31 -20.23 -1.76
CA MET A 163 9.86 -20.03 -0.39
C MET A 163 8.78 -21.02 0.03
N LYS A 164 8.63 -22.10 -0.74
CA LYS A 164 7.57 -23.06 -0.49
C LYS A 164 7.63 -23.62 0.93
N GLU A 165 8.82 -23.91 1.44
CA GLU A 165 8.85 -24.47 2.78
CA GLU A 165 8.98 -24.43 2.81
C GLU A 165 8.38 -23.48 3.85
N PHE A 166 8.61 -22.18 3.67
CA PHE A 166 8.14 -21.20 4.60
C PHE A 166 6.63 -21.01 4.51
N LEU A 167 6.09 -21.13 3.30
CA LEU A 167 4.64 -21.12 3.13
C LEU A 167 4.02 -22.33 3.83
N ASP A 168 4.56 -23.51 3.55
CA ASP A 168 3.95 -24.74 4.05
C ASP A 168 4.07 -24.82 5.58
N ALA A 169 5.12 -24.21 6.13
CA ALA A 169 5.30 -24.18 7.58
C ALA A 169 4.45 -23.13 8.33
N GLY A 170 3.73 -22.32 7.58
CA GLY A 170 2.92 -21.27 8.14
C GLY A 170 3.68 -20.06 8.62
N VAL A 171 4.87 -19.86 8.06
CA VAL A 171 5.66 -18.68 8.38
C VAL A 171 5.12 -17.50 7.58
N ILE A 172 5.10 -17.65 6.26
CA ILE A 172 4.58 -16.60 5.36
C ILE A 172 3.05 -16.74 5.31
N VAL A 173 2.36 -15.69 5.74
CA VAL A 173 0.92 -15.71 5.90
C VAL A 173 0.22 -14.63 5.07
N ASP A 174 0.97 -13.72 4.46
CA ASP A 174 0.38 -12.62 3.67
C ASP A 174 1.38 -12.24 2.61
N ILE A 175 0.85 -11.97 1.41
CA ILE A 175 1.62 -11.46 0.30
C ILE A 175 0.99 -10.12 -0.07
N GLU A 176 1.74 -9.05 0.15
CA GLU A 176 1.29 -7.70 -0.20
CA GLU A 176 1.24 -7.73 -0.26
C GLU A 176 1.84 -7.42 -1.62
N VAL A 177 0.98 -7.24 -2.60
CA VAL A 177 1.41 -7.08 -3.99
C VAL A 177 1.65 -5.59 -4.23
N GLY A 178 2.91 -5.21 -4.44
CA GLY A 178 3.25 -3.81 -4.72
C GLY A 178 2.67 -3.42 -6.05
N LEU A 179 2.00 -2.27 -6.12
CA LEU A 179 1.30 -1.85 -7.33
C LEU A 179 1.66 -0.44 -7.78
N GLY A 180 2.74 0.13 -7.24
CA GLY A 180 3.17 1.44 -7.62
C GLY A 180 4.29 1.92 -6.70
N PRO A 181 4.55 3.22 -6.74
CA PRO A 181 5.54 3.86 -5.88
C PRO A 181 5.30 3.49 -4.43
N ALA A 182 6.39 3.22 -3.69
CA ALA A 182 6.27 2.87 -2.28
C ALA A 182 5.37 1.65 -2.04
N GLY A 183 5.24 0.81 -3.08
CA GLY A 183 4.42 -0.38 -3.01
C GLY A 183 2.92 -0.13 -3.10
N GLU A 184 2.52 1.11 -3.30
CA GLU A 184 1.14 1.55 -3.17
CA GLU A 184 1.12 1.48 -3.17
C GLU A 184 0.46 1.69 -4.52
N MET A 185 -0.82 1.34 -4.56
CA MET A 185 -1.60 1.46 -5.80
C MET A 185 -2.01 2.93 -6.00
N ARG A 186 -1.12 3.68 -6.62
CA ARG A 186 -1.30 5.10 -6.93
CA ARG A 186 -1.24 5.13 -6.85
C ARG A 186 -0.36 5.54 -8.02
N TYR A 187 -0.60 6.74 -8.53
CA TYR A 187 0.33 7.42 -9.37
C TYR A 187 1.31 8.21 -8.48
N PRO A 188 2.51 8.50 -8.98
CA PRO A 188 3.51 9.26 -8.18
C PRO A 188 3.28 10.78 -8.28
N SER A 189 2.11 11.19 -7.82
CA SER A 189 1.61 12.55 -7.94
C SER A 189 2.22 13.57 -6.99
N TYR A 190 2.91 13.08 -5.95
CA TYR A 190 3.52 13.90 -4.92
C TYR A 190 4.99 13.48 -4.74
N PRO A 191 5.82 13.77 -5.73
CA PRO A 191 7.21 13.32 -5.72
C PRO A 191 8.07 14.24 -4.86
N GLN A 192 8.20 13.88 -3.58
CA GLN A 192 8.87 14.73 -2.60
C GLN A 192 10.32 14.81 -3.02
N SER A 193 10.91 15.99 -2.90
CA SER A 193 12.27 16.28 -3.48
C SER A 193 12.48 16.17 -5.04
N HIS A 194 11.43 15.86 -5.79
CA HIS A 194 11.48 15.88 -7.23
C HIS A 194 10.36 16.75 -7.78
N GLY A 195 10.02 17.80 -7.02
CA GLY A 195 9.01 18.76 -7.47
C GLY A 195 7.89 19.15 -6.51
N TRP A 196 7.65 18.34 -5.48
CA TRP A 196 6.49 18.53 -4.62
C TRP A 196 6.93 18.68 -3.18
N SER A 197 6.22 19.54 -2.46
CA SER A 197 6.28 19.60 -1.02
C SER A 197 4.88 19.59 -0.45
N PHE A 198 4.73 18.88 0.65
CA PHE A 198 3.46 18.86 1.38
C PHE A 198 3.03 20.27 1.76
N PRO A 199 1.76 20.64 1.59
CA PRO A 199 0.61 19.86 1.12
C PRO A 199 0.16 20.22 -0.28
N GLY A 200 1.08 20.23 -1.24
CA GLY A 200 0.72 20.56 -2.62
C GLY A 200 -0.36 19.62 -3.15
N ILE A 201 -1.17 20.13 -4.07
CA ILE A 201 -2.20 19.31 -4.71
C ILE A 201 -1.65 18.15 -5.55
N GLY A 202 -0.39 18.22 -5.94
CA GLY A 202 0.21 17.20 -6.80
C GLY A 202 -0.19 17.37 -8.25
N GLU A 203 0.23 16.45 -9.09
CA GLU A 203 -0.08 16.52 -10.54
C GLU A 203 -0.57 15.16 -11.09
N PHE A 204 -1.30 15.22 -12.22
CA PHE A 204 -1.63 14.04 -12.95
C PHE A 204 -0.40 13.52 -13.69
N ILE A 205 -0.07 12.24 -13.51
CA ILE A 205 1.18 11.66 -14.05
C ILE A 205 0.84 10.63 -15.14
N CYS A 206 0.19 11.14 -16.18
CA CYS A 206 -0.40 10.28 -17.22
C CYS A 206 0.11 10.66 -18.63
N TYR A 207 1.27 11.32 -18.70
CA TYR A 207 1.79 11.82 -19.97
C TYR A 207 2.70 10.86 -20.75
N ASP A 208 3.02 9.69 -20.20
CA ASP A 208 3.80 8.74 -20.97
C ASP A 208 3.00 8.40 -22.23
N LYS A 209 3.70 8.01 -23.29
CA LYS A 209 3.01 7.86 -24.57
C LYS A 209 2.00 6.73 -24.57
N TYR A 210 2.22 5.71 -23.74
CA TYR A 210 1.31 4.59 -23.68
C TYR A 210 -0.03 5.04 -23.09
N LEU A 211 0.02 5.78 -22.01
CA LEU A 211 -1.19 6.31 -21.39
C LEU A 211 -1.86 7.39 -22.27
N GLN A 212 -1.07 8.20 -22.97
CA GLN A 212 -1.71 9.17 -23.90
C GLN A 212 -2.49 8.43 -24.99
N ALA A 213 -1.93 7.37 -25.54
CA ALA A 213 -2.59 6.59 -26.58
C ALA A 213 -3.85 5.93 -26.01
N ASP A 214 -3.75 5.44 -24.79
CA ASP A 214 -4.90 4.81 -24.17
C ASP A 214 -6.04 5.81 -23.96
N PHE A 215 -5.73 7.03 -23.52
CA PHE A 215 -6.74 8.07 -23.35
C PHE A 215 -7.38 8.38 -24.72
N LYS A 216 -6.54 8.55 -25.73
CA LYS A 216 -7.04 8.85 -27.05
C LYS A 216 -8.05 7.80 -27.53
N ALA A 217 -7.69 6.53 -27.33
CA ALA A 217 -8.57 5.42 -27.70
C ALA A 217 -9.87 5.46 -26.89
N ALA A 218 -9.78 5.70 -25.58
CA ALA A 218 -10.96 5.77 -24.71
C ALA A 218 -11.89 6.92 -25.15
N ALA A 219 -11.32 8.08 -25.42
CA ALA A 219 -12.06 9.26 -25.86
C ALA A 219 -12.71 9.03 -27.24
N ALA A 220 -11.99 8.36 -28.14
CA ALA A 220 -12.52 8.00 -29.47
C ALA A 220 -13.73 7.04 -29.35
N ALA A 221 -13.67 6.07 -28.43
CA ALA A 221 -14.75 5.09 -28.24
C ALA A 221 -16.06 5.75 -27.89
N VAL A 222 -16.02 6.89 -27.20
CA VAL A 222 -17.21 7.66 -26.81
C VAL A 222 -17.50 8.87 -27.70
N GLY A 223 -16.86 8.90 -28.87
CA GLY A 223 -17.14 9.92 -29.87
C GLY A 223 -16.56 11.30 -29.61
N HIS A 224 -15.54 11.37 -28.76
CA HIS A 224 -14.81 12.60 -28.50
C HIS A 224 -13.31 12.51 -28.76
N PRO A 225 -12.91 12.33 -30.02
CA PRO A 225 -11.49 12.18 -30.31
C PRO A 225 -10.63 13.38 -30.00
N GLU A 226 -11.28 14.53 -29.88
CA GLU A 226 -10.61 15.78 -29.68
C GLU A 226 -10.27 16.06 -28.24
N TRP A 227 -10.91 15.33 -27.32
CA TRP A 227 -10.66 15.55 -25.88
C TRP A 227 -9.21 15.27 -25.54
N GLU A 228 -8.70 16.11 -24.64
CA GLU A 228 -7.32 16.00 -24.16
C GLU A 228 -7.32 16.05 -22.64
N PHE A 229 -6.18 15.76 -22.06
CA PHE A 229 -6.03 15.92 -20.63
C PHE A 229 -6.31 17.38 -20.23
N PRO A 230 -6.85 17.60 -19.03
CA PRO A 230 -7.11 18.97 -18.60
C PRO A 230 -5.84 19.81 -18.55
N ASN A 231 -5.95 21.07 -18.99
CA ASN A 231 -4.83 22.02 -19.08
C ASN A 231 -4.94 23.20 -18.13
N ASP A 232 -5.81 23.07 -17.16
CA ASP A 232 -6.10 24.12 -16.17
C ASP A 232 -5.93 23.65 -14.71
N VAL A 233 -4.87 22.85 -14.52
CA VAL A 233 -4.67 22.02 -13.32
C VAL A 233 -3.54 22.55 -12.46
N GLY A 234 -2.92 23.65 -12.87
CA GLY A 234 -1.82 24.20 -12.10
C GLY A 234 -0.64 23.22 -12.02
N GLN A 235 0.04 23.24 -10.87
CA GLN A 235 1.27 22.48 -10.67
C GLN A 235 1.39 21.95 -9.27
N TYR A 236 2.41 21.10 -9.02
CA TYR A 236 2.54 20.33 -7.81
C TYR A 236 2.17 21.07 -6.53
N ASN A 237 2.76 22.27 -6.35
CA ASN A 237 2.69 22.96 -5.06
C ASN A 237 1.58 24.01 -4.98
N ASP A 238 0.68 23.98 -5.95
CA ASP A 238 -0.53 24.79 -5.87
C ASP A 238 -1.47 24.28 -4.79
N THR A 239 -2.42 25.16 -4.44
CA THR A 239 -3.61 24.80 -3.71
C THR A 239 -4.78 24.81 -4.71
N PRO A 240 -5.93 24.19 -4.36
CA PRO A 240 -7.01 24.06 -5.32
C PRO A 240 -7.53 25.37 -5.94
N GLU A 241 -7.63 26.43 -5.13
CA GLU A 241 -8.17 27.69 -5.68
C GLU A 241 -7.20 28.43 -6.59
N ARG A 242 -5.96 27.96 -6.69
CA ARG A 242 -5.02 28.48 -7.68
C ARG A 242 -5.30 28.03 -9.11
N THR A 243 -6.26 27.13 -9.26
CA THR A 243 -6.50 26.44 -10.53
C THR A 243 -7.98 26.50 -10.91
N GLN A 244 -8.28 26.50 -12.21
CA GLN A 244 -9.65 26.40 -12.66
C GLN A 244 -10.21 25.00 -12.54
N PHE A 245 -9.34 23.98 -12.58
CA PHE A 245 -9.80 22.61 -12.53
C PHE A 245 -10.30 22.22 -11.14
N PHE A 246 -9.49 22.53 -10.12
CA PHE A 246 -9.75 22.03 -8.78
C PHE A 246 -10.47 22.99 -7.84
N ARG A 247 -10.65 24.24 -8.26
CA ARG A 247 -11.32 25.18 -7.41
C ARG A 247 -12.75 24.73 -7.15
N ASP A 248 -13.33 25.27 -6.08
CA ASP A 248 -14.76 25.11 -5.80
CA ASP A 248 -14.76 25.03 -5.84
C ASP A 248 -15.53 25.53 -7.06
N ASN A 249 -16.44 24.68 -7.56
CA ASN A 249 -17.24 24.96 -8.77
C ASN A 249 -16.38 24.97 -10.04
N GLY A 250 -15.24 24.29 -9.95
CA GLY A 250 -14.30 24.26 -11.05
C GLY A 250 -14.61 23.24 -12.13
N THR A 251 -13.68 23.10 -13.08
CA THR A 251 -13.92 22.27 -14.26
C THR A 251 -13.79 20.76 -14.02
N TYR A 252 -13.36 20.37 -12.82
CA TYR A 252 -13.41 18.97 -12.45
C TYR A 252 -14.82 18.43 -12.49
N LEU A 253 -15.83 19.31 -12.37
CA LEU A 253 -17.23 18.92 -12.35
C LEU A 253 -17.82 18.72 -13.75
N SER A 254 -17.13 19.21 -14.77
CA SER A 254 -17.66 19.19 -16.15
C SER A 254 -17.66 17.78 -16.76
N GLU A 255 -18.34 17.61 -17.89
CA GLU A 255 -18.36 16.33 -18.58
C GLU A 255 -16.95 15.84 -18.93
N LYS A 256 -16.13 16.75 -19.46
CA LYS A 256 -14.77 16.39 -19.88
C LYS A 256 -13.93 16.05 -18.62
N GLY A 257 -14.15 16.82 -17.55
CA GLY A 257 -13.44 16.58 -16.27
C GLY A 257 -13.76 15.23 -15.67
N ARG A 258 -15.05 14.90 -15.65
CA ARG A 258 -15.51 13.62 -15.12
C ARG A 258 -14.97 12.47 -15.96
N PHE A 259 -14.94 12.64 -17.27
CA PHE A 259 -14.45 11.57 -18.15
C PHE A 259 -12.95 11.32 -17.88
N PHE A 260 -12.18 12.39 -17.79
CA PHE A 260 -10.75 12.27 -17.52
C PHE A 260 -10.48 11.64 -16.16
N LEU A 261 -11.18 12.11 -15.14
CA LEU A 261 -10.98 11.58 -13.79
C LEU A 261 -11.35 10.12 -13.69
N ALA A 262 -12.47 9.74 -14.34
CA ALA A 262 -12.85 8.35 -14.39
C ALA A 262 -11.78 7.51 -15.13
N TRP A 263 -11.30 8.01 -16.26
CA TRP A 263 -10.28 7.28 -17.03
C TRP A 263 -9.03 7.05 -16.18
N TYR A 264 -8.58 8.11 -15.53
CA TYR A 264 -7.33 8.08 -14.75
C TYR A 264 -7.41 7.13 -13.57
N SER A 265 -8.51 7.24 -12.82
CA SER A 265 -8.70 6.38 -11.68
C SER A 265 -9.07 4.92 -12.08
N ASN A 266 -9.80 4.74 -13.18
CA ASN A 266 -10.13 3.42 -13.68
C ASN A 266 -8.87 2.66 -14.08
N ASN A 267 -7.91 3.38 -14.67
CA ASN A 267 -6.70 2.72 -15.10
C ASN A 267 -5.95 2.11 -13.92
N LEU A 268 -5.96 2.80 -12.79
CA LEU A 268 -5.32 2.29 -11.60
CA LEU A 268 -5.31 2.22 -11.57
C LEU A 268 -6.05 0.99 -11.13
N ILE A 269 -7.39 1.05 -11.14
CA ILE A 269 -8.19 -0.10 -10.79
C ILE A 269 -7.90 -1.30 -11.69
N LYS A 270 -7.82 -1.06 -12.99
CA LYS A 270 -7.53 -2.15 -13.92
C LYS A 270 -6.13 -2.74 -13.72
N HIS A 271 -5.17 -1.85 -13.45
CA HIS A 271 -3.79 -2.27 -13.12
C HIS A 271 -3.77 -3.22 -11.93
N GLY A 272 -4.45 -2.84 -10.85
CA GLY A 272 -4.58 -3.73 -9.68
C GLY A 272 -5.25 -5.05 -10.02
N ASP A 273 -6.35 -5.00 -10.79
CA ASP A 273 -7.11 -6.20 -11.07
C ASP A 273 -6.25 -7.19 -11.85
N ARG A 274 -5.55 -6.75 -12.89
CA ARG A 274 -4.80 -7.68 -13.72
CA ARG A 274 -4.82 -7.67 -13.73
C ARG A 274 -3.60 -8.27 -13.01
N ILE A 275 -2.92 -7.51 -12.17
CA ILE A 275 -1.79 -8.03 -11.42
C ILE A 275 -2.25 -8.93 -10.29
N LEU A 276 -3.35 -8.58 -9.61
CA LEU A 276 -3.89 -9.48 -8.60
C LEU A 276 -4.34 -10.81 -9.19
N ASP A 277 -4.88 -10.78 -10.41
CA ASP A 277 -5.27 -12.04 -11.03
C ASP A 277 -4.07 -12.94 -11.20
N GLU A 278 -2.94 -12.39 -11.63
CA GLU A 278 -1.71 -13.17 -11.74
C GLU A 278 -1.22 -13.65 -10.38
N ALA A 279 -1.26 -12.77 -9.38
CA ALA A 279 -0.83 -13.14 -8.03
C ALA A 279 -1.68 -14.30 -7.46
N ASN A 280 -2.98 -14.22 -7.70
CA ASN A 280 -3.89 -15.25 -7.28
C ASN A 280 -3.57 -16.59 -7.94
N LYS A 281 -3.29 -16.58 -9.22
CA LYS A 281 -2.85 -17.79 -9.90
C LYS A 281 -1.56 -18.36 -9.31
N VAL A 282 -0.62 -17.48 -8.97
CA VAL A 282 0.61 -17.97 -8.41
C VAL A 282 0.38 -18.65 -7.06
N PHE A 283 -0.36 -18.00 -6.18
CA PHE A 283 -0.51 -18.46 -4.79
C PHE A 283 -1.70 -19.37 -4.53
N LEU A 284 -2.42 -19.75 -5.58
CA LEU A 284 -3.56 -20.64 -5.48
C LEU A 284 -3.22 -21.83 -4.60
N GLY A 285 -4.11 -22.09 -3.64
CA GLY A 285 -3.99 -23.27 -2.78
C GLY A 285 -3.12 -23.08 -1.55
N TYR A 286 -2.39 -21.98 -1.45
CA TYR A 286 -1.57 -21.70 -0.28
C TYR A 286 -2.40 -20.97 0.77
N LYS A 287 -2.05 -21.14 2.04
CA LYS A 287 -2.81 -20.56 3.13
C LYS A 287 -2.28 -19.16 3.44
N VAL A 288 -2.50 -18.25 2.49
CA VAL A 288 -2.05 -16.88 2.57
C VAL A 288 -3.19 -15.97 2.18
N GLN A 289 -3.11 -14.76 2.63
CA GLN A 289 -3.93 -13.70 2.09
C GLN A 289 -3.15 -12.82 1.17
N LEU A 290 -3.78 -12.37 0.09
CA LEU A 290 -3.20 -11.37 -0.80
CA LEU A 290 -3.21 -11.37 -0.82
C LEU A 290 -3.75 -10.02 -0.42
N ALA A 291 -2.88 -9.02 -0.42
CA ALA A 291 -3.25 -7.66 -0.02
C ALA A 291 -2.73 -6.66 -1.04
N ILE A 292 -3.41 -5.52 -1.12
CA ILE A 292 -2.85 -4.35 -1.76
C ILE A 292 -2.74 -3.23 -0.73
N LYS A 293 -1.92 -2.24 -1.05
CA LYS A 293 -1.70 -1.08 -0.20
CA LYS A 293 -1.74 -1.07 -0.19
C LYS A 293 -2.28 0.15 -0.91
N ILE A 294 -3.17 0.87 -0.24
CA ILE A 294 -3.76 2.10 -0.76
C ILE A 294 -3.12 3.22 0.04
N SER A 295 -2.62 4.22 -0.66
CA SER A 295 -2.02 5.38 -0.03
C SER A 295 -3.07 6.24 0.69
N GLY A 296 -2.66 6.89 1.76
CA GLY A 296 -3.54 7.71 2.60
C GLY A 296 -3.36 9.17 2.31
N ILE A 297 -4.16 9.67 1.37
CA ILE A 297 -4.04 11.05 0.89
C ILE A 297 -5.05 11.88 1.65
N HIS A 298 -4.65 12.31 2.84
CA HIS A 298 -5.53 12.99 3.77
C HIS A 298 -5.63 14.47 3.49
N TRP A 299 -4.61 15.01 2.81
CA TRP A 299 -4.57 16.45 2.52
C TRP A 299 -5.56 16.77 1.38
N TRP A 300 -6.28 17.89 1.59
CA TRP A 300 -7.35 18.37 0.71
C TRP A 300 -8.63 17.52 0.81
N TYR A 301 -8.71 16.58 1.77
CA TYR A 301 -9.93 15.78 1.91
C TYR A 301 -11.11 16.68 2.27
N LYS A 302 -10.83 17.78 2.95
CA LYS A 302 -11.91 18.67 3.42
CA LYS A 302 -11.88 18.71 3.44
C LYS A 302 -12.49 19.63 2.38
N VAL A 303 -11.89 19.70 1.18
CA VAL A 303 -12.38 20.64 0.17
C VAL A 303 -13.09 19.86 -0.92
N PRO A 304 -13.97 20.55 -1.68
CA PRO A 304 -14.83 19.79 -2.59
C PRO A 304 -14.11 18.93 -3.63
N SER A 305 -13.01 19.45 -4.17
CA SER A 305 -12.27 18.72 -5.19
C SER A 305 -11.47 17.54 -4.70
N HIS A 306 -11.19 17.43 -3.40
CA HIS A 306 -10.34 16.31 -2.93
C HIS A 306 -9.11 16.25 -3.86
N ALA A 307 -8.45 17.39 -4.10
CA ALA A 307 -7.52 17.51 -5.23
C ALA A 307 -6.38 16.51 -5.17
N ALA A 308 -5.78 16.29 -3.99
CA ALA A 308 -4.61 15.40 -3.91
C ALA A 308 -5.00 13.93 -4.08
N GLU A 309 -6.17 13.56 -3.60
CA GLU A 309 -6.68 12.22 -3.88
C GLU A 309 -6.85 12.04 -5.38
N LEU A 310 -7.42 13.06 -6.03
CA LEU A 310 -7.62 12.98 -7.50
C LEU A 310 -6.33 12.74 -8.25
N THR A 311 -5.30 13.52 -7.92
CA THR A 311 -4.06 13.40 -8.67
C THR A 311 -3.32 12.09 -8.34
N ALA A 312 -3.54 11.55 -7.14
CA ALA A 312 -2.98 10.24 -6.78
C ALA A 312 -3.67 9.10 -7.51
N GLY A 313 -4.87 9.35 -8.01
CA GLY A 313 -5.67 8.38 -8.73
C GLY A 313 -6.91 7.89 -8.03
N TYR A 314 -7.29 8.51 -6.91
CA TYR A 314 -8.45 8.08 -6.14
C TYR A 314 -9.55 9.10 -6.39
N TYR A 315 -10.55 8.71 -7.20
CA TYR A 315 -11.58 9.63 -7.66
C TYR A 315 -12.71 9.71 -6.62
N ASN A 316 -12.42 10.46 -5.57
CA ASN A 316 -13.18 10.48 -4.34
C ASN A 316 -13.76 11.87 -4.14
N LEU A 317 -15.10 11.98 -4.08
CA LEU A 317 -15.79 13.25 -3.91
C LEU A 317 -16.93 13.05 -2.90
N HIS A 318 -17.57 14.13 -2.51
CA HIS A 318 -18.65 14.05 -1.49
C HIS A 318 -19.71 13.04 -1.92
N ASP A 319 -19.97 12.95 -3.22
CA ASP A 319 -21.03 12.10 -3.75
C ASP A 319 -20.49 10.93 -4.57
N ARG A 320 -19.21 10.58 -4.40
CA ARG A 320 -18.60 9.54 -5.21
C ARG A 320 -17.56 8.80 -4.37
N ASP A 321 -17.83 7.55 -4.05
CA ASP A 321 -16.92 6.77 -3.20
C ASP A 321 -15.79 6.14 -4.03
N GLY A 322 -14.64 6.83 -4.06
CA GLY A 322 -13.51 6.38 -4.87
C GLY A 322 -12.69 5.27 -4.25
N TYR A 323 -13.08 4.84 -3.04
CA TYR A 323 -12.44 3.69 -2.40
C TYR A 323 -13.33 2.45 -2.43
N ARG A 324 -14.65 2.61 -2.41
CA ARG A 324 -15.51 1.44 -2.48
C ARG A 324 -15.40 0.77 -3.87
N THR A 325 -15.12 1.56 -4.92
CA THR A 325 -14.86 1.00 -6.24
C THR A 325 -13.63 0.08 -6.20
N ILE A 326 -12.55 0.58 -5.60
CA ILE A 326 -11.34 -0.24 -5.45
C ILE A 326 -11.70 -1.52 -4.66
N ALA A 327 -12.42 -1.36 -3.56
CA ALA A 327 -12.80 -2.51 -2.74
C ALA A 327 -13.60 -3.55 -3.53
N ARG A 328 -14.53 -3.07 -4.35
CA ARG A 328 -15.32 -3.98 -5.17
C ARG A 328 -14.44 -4.77 -6.13
N MET A 329 -13.43 -4.12 -6.72
CA MET A 329 -12.48 -4.81 -7.59
C MET A 329 -11.70 -5.89 -6.86
N LEU A 330 -11.42 -5.66 -5.58
CA LEU A 330 -10.67 -6.63 -4.80
C LEU A 330 -11.50 -7.89 -4.47
N LYS A 331 -12.82 -7.74 -4.45
CA LYS A 331 -13.71 -8.76 -3.89
C LYS A 331 -13.50 -10.15 -4.54
N ARG A 332 -13.36 -10.18 -5.87
CA ARG A 332 -13.31 -11.46 -6.57
C ARG A 332 -12.05 -12.20 -6.25
N HIS A 333 -11.00 -11.45 -5.92
CA HIS A 333 -9.70 -12.04 -5.59
C HIS A 333 -9.63 -12.52 -4.12
N ARG A 334 -10.61 -12.14 -3.33
CA ARG A 334 -10.56 -12.27 -1.86
C ARG A 334 -9.30 -11.60 -1.32
N ALA A 335 -8.94 -10.47 -1.92
CA ALA A 335 -7.82 -9.65 -1.53
C ALA A 335 -8.22 -8.69 -0.45
N SER A 336 -7.26 -8.36 0.40
CA SER A 336 -7.49 -7.44 1.50
C SER A 336 -6.97 -6.04 1.14
N ILE A 337 -7.49 -5.06 1.84
CA ILE A 337 -6.96 -3.69 1.83
C ILE A 337 -6.06 -3.47 3.02
N ASN A 338 -4.86 -2.99 2.75
CA ASN A 338 -3.94 -2.48 3.77
C ASN A 338 -3.89 -0.96 3.60
N PHE A 339 -4.39 -0.24 4.59
CA PHE A 339 -4.47 1.20 4.55
C PHE A 339 -3.42 1.79 5.51
N THR A 340 -3.47 3.06 5.75
CA THR A 340 -2.50 3.81 6.51
C THR A 340 -3.21 4.90 7.32
N CYS A 341 -2.42 5.72 7.98
CA CYS A 341 -2.95 6.82 8.79
C CYS A 341 -3.73 6.40 10.03
N ALA A 342 -3.54 5.15 10.45
CA ALA A 342 -4.27 4.63 11.59
C ALA A 342 -3.99 5.36 12.93
N GLU A 343 -2.88 6.09 12.99
CA GLU A 343 -2.39 6.72 14.21
C GLU A 343 -2.76 8.21 14.27
N MET A 344 -3.32 8.77 13.18
CA MET A 344 -3.50 10.22 13.06
C MET A 344 -4.82 10.73 13.58
N ARG A 345 -4.73 11.84 14.31
CA ARG A 345 -5.89 12.66 14.62
C ARG A 345 -5.90 13.91 13.73
N ASP A 346 -7.09 14.34 13.40
CA ASP A 346 -7.26 15.56 12.57
C ASP A 346 -6.61 16.77 13.26
N SER A 347 -6.71 16.82 14.59
CA SER A 347 -6.15 17.94 15.35
C SER A 347 -4.62 18.03 15.30
N GLU A 348 -3.94 16.96 14.87
CA GLU A 348 -2.49 16.94 14.72
C GLU A 348 -1.98 17.47 13.40
N GLN A 349 -2.90 17.81 12.49
CA GLN A 349 -2.56 18.25 11.14
C GLN A 349 -2.61 19.75 11.06
N SER A 350 -1.85 20.31 10.12
CA SER A 350 -1.91 21.76 9.88
C SER A 350 -3.24 22.15 9.24
N SER A 351 -3.75 23.31 9.64
CA SER A 351 -5.00 23.81 9.12
C SER A 351 -4.99 24.01 7.62
N GLN A 352 -3.90 24.51 7.10
CA GLN A 352 -3.82 24.86 5.68
C GLN A 352 -3.88 23.62 4.80
N ALA A 353 -3.50 22.45 5.33
CA ALA A 353 -3.55 21.21 4.55
C ALA A 353 -4.97 20.66 4.33
N MET A 354 -5.98 21.24 4.99
CA MET A 354 -7.37 20.82 4.85
CA MET A 354 -7.36 20.80 4.84
C MET A 354 -7.47 19.29 4.93
N SER A 355 -6.89 18.78 5.99
CA SER A 355 -6.58 17.37 6.19
C SER A 355 -7.52 16.65 7.14
N ALA A 356 -8.02 15.48 6.71
CA ALA A 356 -9.01 14.73 7.51
C ALA A 356 -8.66 13.25 7.53
N PRO A 357 -7.51 12.88 8.13
CA PRO A 357 -7.14 11.47 8.15
C PRO A 357 -8.14 10.59 8.87
N GLU A 358 -8.77 11.09 9.94
CA GLU A 358 -9.71 10.21 10.66
C GLU A 358 -10.87 9.81 9.76
N GLU A 359 -11.44 10.81 9.10
CA GLU A 359 -12.57 10.57 8.20
C GLU A 359 -12.21 9.75 6.98
N LEU A 360 -11.02 9.95 6.47
CA LEU A 360 -10.51 9.15 5.35
C LEU A 360 -10.38 7.68 5.79
N VAL A 361 -9.75 7.44 6.94
CA VAL A 361 -9.64 6.08 7.48
C VAL A 361 -11.02 5.44 7.66
N GLN A 362 -11.97 6.19 8.21
CA GLN A 362 -13.31 5.67 8.39
C GLN A 362 -13.96 5.32 7.07
N GLN A 363 -13.76 6.16 6.06
CA GLN A 363 -14.28 5.88 4.74
C GLN A 363 -13.70 4.59 4.13
N VAL A 364 -12.39 4.44 4.18
CA VAL A 364 -11.76 3.30 3.54
C VAL A 364 -12.13 2.01 4.27
N LEU A 365 -12.03 2.01 5.59
CA LEU A 365 -12.41 0.84 6.39
C LEU A 365 -13.88 0.46 6.13
N SER A 366 -14.77 1.46 6.11
CA SER A 366 -16.20 1.15 5.87
C SER A 366 -16.41 0.59 4.47
N ALA A 367 -15.71 1.15 3.49
CA ALA A 367 -15.78 0.62 2.12
C ALA A 367 -15.34 -0.85 2.01
N GLY A 368 -14.21 -1.18 2.60
CA GLY A 368 -13.73 -2.54 2.62
C GLY A 368 -14.72 -3.49 3.30
N TRP A 369 -15.22 -3.09 4.46
CA TRP A 369 -16.15 -3.93 5.19
C TRP A 369 -17.45 -4.14 4.42
N ARG A 370 -17.94 -3.11 3.75
CA ARG A 370 -19.17 -3.24 2.97
C ARG A 370 -19.01 -4.19 1.78
N GLU A 371 -17.80 -4.30 1.24
CA GLU A 371 -17.50 -5.25 0.19
C GLU A 371 -17.06 -6.63 0.72
N GLY A 372 -17.14 -6.84 2.04
CA GLY A 372 -16.81 -8.12 2.65
C GLY A 372 -15.32 -8.47 2.73
N LEU A 373 -14.47 -7.44 2.68
CA LEU A 373 -13.02 -7.63 2.70
C LEU A 373 -12.47 -7.64 4.13
N ASN A 374 -11.32 -8.32 4.27
CA ASN A 374 -10.45 -8.05 5.40
C ASN A 374 -9.77 -6.71 5.17
N VAL A 375 -9.67 -5.91 6.24
CA VAL A 375 -8.99 -4.62 6.18
C VAL A 375 -7.94 -4.54 7.28
N ALA A 376 -6.72 -4.18 6.88
CA ALA A 376 -5.62 -3.98 7.80
C ALA A 376 -5.15 -2.54 7.67
N CYS A 377 -4.32 -2.09 8.59
CA CYS A 377 -3.80 -0.74 8.50
CA CYS A 377 -3.83 -0.71 8.58
C CYS A 377 -2.40 -0.64 9.06
N GLU A 378 -1.71 0.40 8.63
CA GLU A 378 -0.41 0.85 9.12
C GLU A 378 -0.53 2.24 9.72
N ASN A 379 0.46 2.66 10.50
CA ASN A 379 0.66 4.06 10.81
C ASN A 379 1.36 4.72 9.66
N ALA A 380 1.00 5.98 9.38
CA ALA A 380 1.62 6.76 8.30
C ALA A 380 3.01 7.26 8.70
N LEU A 381 3.14 7.76 9.93
CA LEU A 381 4.34 8.42 10.36
C LEU A 381 4.86 7.77 11.64
N PRO A 382 6.17 7.92 11.91
CA PRO A 382 6.75 7.36 13.13
C PRO A 382 6.10 8.02 14.39
N ARG A 383 5.65 7.18 15.32
CA ARG A 383 5.05 7.62 16.57
C ARG A 383 5.36 6.61 17.64
N TYR A 384 5.69 7.09 18.83
CA TYR A 384 6.06 6.26 19.96
C TYR A 384 5.19 6.50 21.21
N ASP A 385 4.24 7.43 21.09
CA ASP A 385 3.51 8.01 22.24
C ASP A 385 2.16 7.33 22.47
N PRO A 386 1.66 7.33 23.73
CA PRO A 386 0.38 6.70 24.02
C PRO A 386 -0.78 7.21 23.18
N THR A 387 -0.80 8.51 22.88
CA THR A 387 -1.94 9.05 22.13
C THR A 387 -2.03 8.36 20.76
N ALA A 388 -0.90 8.22 20.08
CA ALA A 388 -0.87 7.50 18.82
C ALA A 388 -1.39 6.08 18.93
N TYR A 389 -0.90 5.35 19.92
CA TYR A 389 -1.36 3.98 20.14
C TYR A 389 -2.88 3.91 20.41
N ASN A 390 -3.39 4.89 21.17
CA ASN A 390 -4.81 4.95 21.48
C ASN A 390 -5.64 5.25 20.23
N THR A 391 -5.10 6.06 19.33
CA THR A 391 -5.80 6.33 18.08
C THR A 391 -5.82 5.09 17.19
N ILE A 392 -4.71 4.37 17.14
CA ILE A 392 -4.68 3.09 16.44
C ILE A 392 -5.69 2.11 17.04
N LEU A 393 -5.72 2.03 18.35
CA LEU A 393 -6.66 1.14 19.03
C LEU A 393 -8.10 1.46 18.68
N ARG A 394 -8.43 2.75 18.63
CA ARG A 394 -9.81 3.15 18.27
C ARG A 394 -10.13 2.64 16.86
N ASN A 395 -9.22 2.85 15.91
CA ASN A 395 -9.45 2.38 14.54
C ASN A 395 -9.45 0.86 14.40
N ALA A 396 -8.74 0.16 15.30
CA ALA A 396 -8.65 -1.29 15.25
C ALA A 396 -9.99 -1.96 15.64
N ARG A 397 -10.72 -1.32 16.57
CA ARG A 397 -12.04 -1.83 17.04
C ARG A 397 -12.94 -0.62 17.16
N PRO A 398 -13.53 -0.16 16.03
CA PRO A 398 -14.28 1.11 16.02
C PRO A 398 -15.48 1.15 16.95
N HIS A 399 -16.04 -0.02 17.28
CA HIS A 399 -17.21 -0.10 18.16
C HIS A 399 -16.81 -0.62 19.52
N GLY A 400 -15.50 -0.68 19.79
CA GLY A 400 -14.96 -1.23 21.01
C GLY A 400 -15.06 -2.74 21.11
N ILE A 401 -14.97 -3.21 22.35
CA ILE A 401 -14.89 -4.62 22.69
C ILE A 401 -16.29 -5.22 22.79
N ASN A 402 -16.52 -6.38 22.17
CA ASN A 402 -17.69 -7.24 22.46
C ASN A 402 -17.29 -8.22 23.55
N GLN A 403 -17.98 -8.20 24.69
CA GLN A 403 -17.61 -9.06 25.82
C GLN A 403 -17.77 -10.57 25.61
N SER A 404 -18.61 -10.97 24.67
CA SER A 404 -18.97 -12.40 24.52
C SER A 404 -18.74 -13.03 23.13
N GLY A 405 -18.17 -12.29 22.19
CA GLY A 405 -17.93 -12.83 20.85
C GLY A 405 -17.18 -11.81 20.02
N PRO A 406 -17.11 -12.03 18.70
CA PRO A 406 -16.42 -11.04 17.86
C PRO A 406 -17.17 -9.69 17.77
N PRO A 407 -16.45 -8.56 17.69
CA PRO A 407 -17.12 -7.27 17.47
C PRO A 407 -17.68 -7.20 16.07
N GLU A 408 -18.52 -6.21 15.82
CA GLU A 408 -19.19 -6.11 14.54
C GLU A 408 -18.20 -5.83 13.42
N HIS A 409 -17.17 -5.01 13.70
CA HIS A 409 -16.07 -4.73 12.81
C HIS A 409 -14.75 -4.63 13.58
N LYS A 410 -13.67 -5.03 12.92
CA LYS A 410 -12.33 -4.92 13.51
C LYS A 410 -11.34 -4.96 12.37
N LEU A 411 -10.17 -4.36 12.56
CA LEU A 411 -9.07 -4.58 11.64
C LEU A 411 -8.65 -6.02 11.75
N PHE A 412 -8.29 -6.58 10.60
CA PHE A 412 -7.75 -7.94 10.53
C PHE A 412 -6.33 -7.99 11.02
N GLY A 413 -5.64 -6.85 10.96
CA GLY A 413 -4.30 -6.71 11.47
C GLY A 413 -3.85 -5.27 11.42
N PHE A 414 -2.79 -4.99 12.14
CA PHE A 414 -2.10 -3.71 12.15
C PHE A 414 -0.62 -3.94 11.97
N THR A 415 0.02 -3.15 11.11
CA THR A 415 1.47 -3.23 10.91
C THR A 415 2.11 -1.91 11.27
N TYR A 416 3.05 -1.98 12.22
CA TYR A 416 3.75 -0.85 12.75
C TYR A 416 4.99 -0.49 11.95
N LEU A 417 5.02 0.77 11.53
CA LEU A 417 6.18 1.35 10.84
C LEU A 417 7.00 2.10 11.87
N ARG A 418 8.22 1.66 12.22
CA ARG A 418 8.88 0.41 11.81
C ARG A 418 9.88 0.06 12.91
N LEU A 419 10.37 -1.16 12.85
CA LEU A 419 11.42 -1.60 13.78
C LEU A 419 12.67 -0.77 13.65
N SER A 420 13.23 -0.38 14.80
CA SER A 420 14.55 0.24 14.91
C SER A 420 15.04 0.00 16.31
N ASN A 421 16.31 0.33 16.56
CA ASN A 421 16.81 0.25 17.93
C ASN A 421 16.10 1.21 18.88
N GLN A 422 15.63 2.33 18.35
CA GLN A 422 14.92 3.35 19.13
C GLN A 422 13.58 2.80 19.65
N LEU A 423 12.91 1.96 18.86
CA LEU A 423 11.66 1.41 19.29
C LEU A 423 11.77 0.52 20.49
N VAL A 424 12.83 -0.25 20.55
CA VAL A 424 12.86 -1.37 21.50
C VAL A 424 13.72 -1.07 22.74
N GLU A 425 13.88 0.20 23.07
CA GLU A 425 14.47 0.57 24.34
C GLU A 425 13.61 1.60 25.07
N GLY A 426 13.85 1.72 26.36
CA GLY A 426 13.34 2.80 27.15
C GLY A 426 11.86 2.92 27.18
N GLN A 427 11.41 4.17 27.27
CA GLN A 427 10.00 4.46 27.35
C GLN A 427 9.26 4.05 26.06
N ASN A 428 9.95 4.20 24.94
CA ASN A 428 9.34 3.79 23.67
C ASN A 428 8.91 2.33 23.72
N TYR A 429 9.81 1.48 24.21
CA TYR A 429 9.50 0.06 24.27
C TYR A 429 8.37 -0.23 25.25
N ALA A 430 8.40 0.43 26.43
CA ALA A 430 7.34 0.22 27.38
C ALA A 430 5.95 0.56 26.78
N ASN A 431 5.89 1.67 26.04
CA ASN A 431 4.62 2.11 25.43
C ASN A 431 4.18 1.10 24.39
N PHE A 432 5.13 0.65 23.57
CA PHE A 432 4.83 -0.31 22.52
C PHE A 432 4.32 -1.65 23.07
N LYS A 433 4.97 -2.18 24.11
CA LYS A 433 4.49 -3.44 24.70
C LYS A 433 3.06 -3.31 25.20
N THR A 434 2.75 -2.23 25.91
CA THR A 434 1.40 -2.07 26.41
C THR A 434 0.40 -1.98 25.24
N PHE A 435 0.76 -1.25 24.19
CA PHE A 435 -0.07 -1.24 22.96
C PHE A 435 -0.38 -2.63 22.44
N VAL A 436 0.64 -3.48 22.34
CA VAL A 436 0.41 -4.83 21.86
C VAL A 436 -0.57 -5.57 22.79
N ASP A 437 -0.39 -5.41 24.10
CA ASP A 437 -1.33 -6.05 25.03
C ASP A 437 -2.75 -5.62 24.69
N ARG A 438 -2.96 -4.30 24.53
CA ARG A 438 -4.32 -3.78 24.29
C ARG A 438 -4.88 -4.22 22.95
N MET A 439 -4.03 -4.27 21.92
CA MET A 439 -4.48 -4.79 20.63
C MET A 439 -4.95 -6.24 20.76
N HIS A 440 -4.24 -7.00 21.60
CA HIS A 440 -4.61 -8.39 21.87
C HIS A 440 -5.73 -8.55 22.91
N ALA A 441 -6.43 -7.47 23.24
CA ALA A 441 -7.50 -7.50 24.24
C ALA A 441 -7.03 -8.05 25.58
N ASN A 442 -5.76 -7.77 25.88
CA ASN A 442 -5.06 -8.17 27.12
C ASN A 442 -4.89 -9.68 27.26
N LEU A 443 -4.92 -10.39 26.14
CA LEU A 443 -4.63 -11.81 26.03
C LEU A 443 -3.19 -12.04 25.62
N PRO A 444 -2.64 -13.23 25.92
CA PRO A 444 -1.30 -13.55 25.38
C PRO A 444 -1.33 -13.76 23.86
N ARG A 445 -0.16 -13.76 23.28
CA ARG A 445 -0.02 -14.02 21.86
CA ARG A 445 -0.07 -13.98 21.86
C ARG A 445 -0.68 -15.36 21.50
N ASP A 446 -1.44 -15.37 20.41
CA ASP A 446 -2.13 -16.59 19.96
C ASP A 446 -1.54 -17.00 18.62
N PRO A 447 -0.64 -17.97 18.59
CA PRO A 447 0.03 -18.32 17.35
C PRO A 447 -0.94 -18.91 16.30
N TYR A 448 -2.12 -19.32 16.75
CA TYR A 448 -3.15 -20.00 15.90
C TYR A 448 -4.23 -19.04 15.36
N VAL A 449 -4.13 -17.76 15.72
CA VAL A 449 -5.20 -16.81 15.40
C VAL A 449 -5.36 -16.58 13.90
N ASP A 450 -6.59 -16.39 13.47
CA ASP A 450 -6.91 -15.99 12.12
C ASP A 450 -6.34 -16.91 11.08
N PRO A 451 -6.63 -18.22 11.19
CA PRO A 451 -6.11 -19.16 10.20
C PRO A 451 -6.66 -18.86 8.79
N MET A 452 -5.82 -19.02 7.76
CA MET A 452 -6.24 -18.79 6.37
CA MET A 452 -6.19 -18.80 6.35
C MET A 452 -6.56 -20.14 5.68
N ALA A 453 -7.68 -20.19 4.96
CA ALA A 453 -8.00 -21.35 4.15
C ALA A 453 -7.08 -21.33 2.90
N PRO A 454 -6.88 -22.47 2.25
CA PRO A 454 -6.14 -22.46 0.99
C PRO A 454 -6.76 -21.45 0.02
N LEU A 455 -5.93 -20.62 -0.59
CA LEU A 455 -6.41 -19.52 -1.41
C LEU A 455 -7.22 -20.06 -2.62
N PRO A 456 -8.52 -19.72 -2.73
CA PRO A 456 -9.29 -20.11 -3.91
C PRO A 456 -9.00 -19.22 -5.12
N ARG A 457 -9.31 -19.71 -6.29
CA ARG A 457 -9.15 -18.94 -7.50
C ARG A 457 -10.09 -17.74 -7.51
N SER A 458 -9.58 -16.63 -8.02
CA SER A 458 -10.37 -15.44 -8.24
C SER A 458 -11.67 -15.76 -8.96
N GLY A 459 -12.74 -15.12 -8.54
CA GLY A 459 -14.01 -15.22 -9.24
C GLY A 459 -13.99 -14.51 -10.57
N PRO A 460 -15.14 -14.54 -11.27
CA PRO A 460 -15.21 -13.98 -12.60
C PRO A 460 -14.79 -12.54 -12.65
N GLU A 461 -14.02 -12.21 -13.68
CA GLU A 461 -13.69 -10.84 -13.96
C GLU A 461 -14.95 -10.05 -14.17
N ILE A 462 -15.01 -8.89 -13.52
CA ILE A 462 -16.10 -7.97 -13.68
C ILE A 462 -15.61 -6.71 -14.40
N SER A 463 -16.51 -6.09 -15.15
CA SER A 463 -16.13 -4.95 -15.95
C SER A 463 -15.92 -3.72 -15.09
N ILE A 464 -15.29 -2.72 -15.69
CA ILE A 464 -15.14 -1.43 -15.01
C ILE A 464 -16.50 -0.83 -14.68
N GLU A 465 -17.50 -1.00 -15.57
CA GLU A 465 -18.82 -0.49 -15.27
C GLU A 465 -19.46 -1.16 -14.03
N MET A 466 -19.25 -2.47 -13.90
CA MET A 466 -19.74 -3.21 -12.75
C MET A 466 -19.03 -2.73 -11.47
N ILE A 467 -17.74 -2.52 -11.54
CA ILE A 467 -16.96 -2.01 -10.40
C ILE A 467 -17.51 -0.64 -9.93
N LEU A 468 -17.79 0.20 -10.91
CA LEU A 468 -18.20 1.57 -10.65
C LEU A 468 -19.60 1.67 -10.08
N GLN A 469 -20.37 0.58 -10.12
CA GLN A 469 -21.64 0.62 -9.37
C GLN A 469 -21.45 0.95 -7.88
N ALA A 470 -20.28 0.60 -7.34
CA ALA A 470 -19.95 0.84 -5.95
C ALA A 470 -19.74 2.31 -5.63
N ALA A 471 -19.60 3.17 -6.65
CA ALA A 471 -19.22 4.55 -6.42
C ALA A 471 -20.37 5.39 -5.83
N GLN A 472 -21.61 5.00 -6.13
CA GLN A 472 -22.79 5.80 -5.81
CA GLN A 472 -22.77 5.78 -5.74
C GLN A 472 -23.97 4.85 -5.56
N PRO A 473 -24.89 5.24 -4.66
CA PRO A 473 -24.83 6.39 -3.76
C PRO A 473 -23.68 6.25 -2.75
N LYS A 474 -23.08 7.36 -2.38
CA LYS A 474 -22.09 7.40 -1.33
C LYS A 474 -22.78 7.18 0.00
N LEU A 475 -22.30 6.23 0.79
CA LEU A 475 -22.90 5.91 2.10
C LEU A 475 -22.06 6.47 3.24
N GLN A 476 -22.72 6.78 4.35
CA GLN A 476 -22.05 7.27 5.53
C GLN A 476 -21.18 6.14 6.08
N PRO A 477 -20.07 6.48 6.73
CA PRO A 477 -19.28 5.43 7.36
C PRO A 477 -20.01 4.80 8.53
N PHE A 478 -19.57 3.60 8.89
CA PHE A 478 -20.01 2.99 10.13
C PHE A 478 -19.58 3.89 11.27
N PRO A 479 -20.35 3.90 12.36
CA PRO A 479 -19.99 4.78 13.48
C PRO A 479 -18.73 4.34 14.22
N PHE A 480 -17.82 5.29 14.47
CA PHE A 480 -16.56 5.03 15.19
C PHE A 480 -16.63 5.76 16.54
N GLN A 481 -16.25 5.06 17.59
CA GLN A 481 -16.09 5.71 18.90
C GLN A 481 -15.06 6.81 18.82
N GLU A 482 -15.25 7.89 19.57
CA GLU A 482 -14.27 8.99 19.61
C GLU A 482 -12.95 8.50 20.19
N HIS A 483 -13.03 7.65 21.23
CA HIS A 483 -11.86 7.14 21.94
C HIS A 483 -12.01 5.65 22.16
N THR A 484 -10.88 4.96 22.16
CA THR A 484 -10.85 3.53 22.51
C THR A 484 -11.42 3.27 23.90
N ASP A 485 -12.09 2.12 24.06
CA ASP A 485 -12.53 1.65 25.38
C ASP A 485 -11.45 0.80 26.07
N LEU A 486 -10.28 0.64 25.44
CA LEU A 486 -9.18 -0.13 26.04
C LEU A 486 -7.84 0.56 25.85
N PRO A 487 -7.71 1.78 26.39
CA PRO A 487 -6.52 2.59 26.17
C PRO A 487 -5.27 2.02 26.84
N VAL A 488 -4.14 2.49 26.39
CA VAL A 488 -2.90 2.07 26.98
C VAL A 488 -2.77 2.41 28.50
N GLY A 489 -3.14 3.63 28.86
CA GLY A 489 -3.06 4.12 30.23
C GLY A 489 -1.76 4.87 30.41
#